data_1GMW
#
_entry.id   1GMW
#
_cell.length_a   43.756
_cell.length_b   129.905
_cell.length_c   56.419
_cell.angle_alpha   90.00
_cell.angle_beta   91.21
_cell.angle_gamma   90.00
#
_symmetry.space_group_name_H-M   'P 1 21 1'
#
loop_
_entity.id
_entity.type
_entity.pdbx_description
1 polymer UREE
2 polymer UREE
3 non-polymer 'COPPER (II) ION'
4 water water
#
loop_
_entity_poly.entity_id
_entity_poly.type
_entity_poly.pdbx_seq_one_letter_code
_entity_poly.pdbx_strand_id
1 'polypeptide(L)'
;(MSE)LYLTQRLEIPAAATASVTLPIDVRVKSRVKVTLNDGRDAGLLLPRGLLLRGGDVLSNEEGTEFVQVIAADEEVSV
VRCDDPF(MSE)LAKACYALGNRHVPLQI(MSE)PGELRYHHDHVLDD(MSE)LRQFGLTVTFGQLPFEPEAGAYASES
;
A,B,C
2 'polypeptide(L)'
;(MSE)LYLTQRLEIPAAATASVTLPIDVRVKSRVKVTLNDGRDAGLLLPRGLLLRGGDVLSNEEGTDFVQVIAADEEVSV
VRCDDPF(MSE)LAKACYALGNRHVPLQI(MSE)PGELRYHHDHVLDD(MSE)LRQFGLTVTFGQLPFEPEAGAYASES
;
D
#
loop_
_chem_comp.id
_chem_comp.type
_chem_comp.name
_chem_comp.formula
CU non-polymer 'COPPER (II) ION' 'Cu 2'
#
# COMPACT_ATOMS: atom_id res chain seq x y z
N MSE A 1 -33.89 1.62 -22.46
CA MSE A 1 -33.65 2.37 -21.19
C MSE A 1 -32.15 2.54 -21.01
O MSE A 1 -31.35 1.69 -21.44
CB MSE A 1 -34.25 1.61 -20.01
CG MSE A 1 -34.17 2.34 -18.68
SE MSE A 1 -35.21 1.51 -17.26
CE MSE A 1 -33.79 0.65 -16.28
N LEU A 2 -31.74 3.63 -20.37
CA LEU A 2 -30.32 3.89 -20.15
C LEU A 2 -29.75 2.99 -19.05
N TYR A 3 -28.78 2.17 -19.43
CA TYR A 3 -28.13 1.28 -18.50
C TYR A 3 -26.65 1.62 -18.46
N LEU A 4 -26.11 1.76 -17.26
CA LEU A 4 -24.71 2.08 -17.08
C LEU A 4 -24.06 0.77 -16.63
N THR A 5 -23.32 0.15 -17.55
CA THR A 5 -22.71 -1.14 -17.30
C THR A 5 -21.22 -1.17 -17.00
N GLN A 6 -20.57 -0.01 -16.94
CA GLN A 6 -19.15 -0.04 -16.68
C GLN A 6 -18.59 1.23 -16.08
N ARG A 7 -17.42 1.09 -15.48
CA ARG A 7 -16.70 2.22 -14.92
C ARG A 7 -15.41 2.25 -15.72
N LEU A 8 -15.22 3.35 -16.44
CA LEU A 8 -14.06 3.53 -17.29
C LEU A 8 -12.79 3.78 -16.49
N GLU A 9 -11.75 3.02 -16.81
CA GLU A 9 -10.47 3.20 -16.14
C GLU A 9 -9.90 4.54 -16.64
N ILE A 10 -10.24 4.87 -17.87
CA ILE A 10 -9.78 6.10 -18.50
C ILE A 10 -11.00 6.92 -18.91
N PRO A 11 -11.40 7.88 -18.06
CA PRO A 11 -12.56 8.75 -18.31
C PRO A 11 -12.63 9.43 -19.67
N ALA A 12 -13.84 9.80 -20.02
CA ALA A 12 -14.16 10.51 -21.23
C ALA A 12 -15.03 11.66 -20.68
N ALA A 13 -15.12 12.77 -21.42
CA ALA A 13 -15.89 13.91 -20.94
C ALA A 13 -17.31 13.50 -20.56
N ALA A 14 -17.78 13.97 -19.41
CA ALA A 14 -19.11 13.64 -18.92
C ALA A 14 -20.22 14.18 -19.80
N THR A 15 -21.32 13.42 -19.89
CA THR A 15 -22.46 13.83 -20.66
C THR A 15 -23.61 13.99 -19.69
N ALA A 16 -23.39 13.49 -18.48
CA ALA A 16 -24.37 13.56 -17.40
C ALA A 16 -23.68 13.27 -16.05
N SER A 17 -24.44 13.38 -14.96
CA SER A 17 -23.92 13.11 -13.63
C SER A 17 -25.03 12.51 -12.77
N VAL A 18 -24.66 11.94 -11.63
CA VAL A 18 -25.59 11.32 -10.70
C VAL A 18 -25.02 11.48 -9.29
N THR A 19 -25.84 11.99 -8.37
CA THR A 19 -25.41 12.23 -7.00
C THR A 19 -25.98 11.22 -6.01
N LEU A 20 -25.13 10.28 -5.61
CA LEU A 20 -25.52 9.18 -4.74
C LEU A 20 -24.84 9.05 -3.38
N PRO A 21 -25.60 8.60 -2.36
CA PRO A 21 -25.10 8.40 -1.00
C PRO A 21 -24.31 7.10 -0.98
N ILE A 22 -23.50 6.88 0.04
CA ILE A 22 -22.68 5.67 0.10
C ILE A 22 -23.41 4.32 0.05
N ASP A 23 -24.65 4.28 0.52
CA ASP A 23 -25.42 3.04 0.54
C ASP A 23 -25.83 2.60 -0.86
N VAL A 24 -25.86 3.53 -1.81
CA VAL A 24 -26.23 3.19 -3.18
C VAL A 24 -24.97 2.91 -4.00
N ARG A 25 -23.90 3.63 -3.70
CA ARG A 25 -22.65 3.47 -4.43
C ARG A 25 -21.97 2.10 -4.25
N VAL A 26 -22.54 1.25 -3.40
CA VAL A 26 -21.98 -0.09 -3.16
C VAL A 26 -22.84 -1.19 -3.75
N LYS A 27 -23.92 -0.81 -4.42
CA LYS A 27 -24.80 -1.78 -5.04
C LYS A 27 -24.36 -1.92 -6.50
N SER A 28 -24.50 -3.11 -7.07
CA SER A 28 -24.12 -3.34 -8.46
C SER A 28 -25.34 -3.21 -9.35
N ARG A 29 -26.51 -3.48 -8.80
CA ARG A 29 -27.77 -3.39 -9.54
C ARG A 29 -28.76 -2.55 -8.77
N VAL A 30 -29.26 -1.49 -9.40
CA VAL A 30 -30.23 -0.62 -8.75
C VAL A 30 -30.59 0.53 -9.66
N LYS A 31 -31.82 1.03 -9.49
CA LYS A 31 -32.30 2.14 -10.30
C LYS A 31 -32.08 3.49 -9.62
N VAL A 32 -31.39 4.37 -10.33
CA VAL A 32 -31.09 5.71 -9.84
C VAL A 32 -31.61 6.71 -10.85
N THR A 33 -31.68 7.97 -10.46
CA THR A 33 -32.14 8.98 -11.39
C THR A 33 -31.03 10.03 -11.57
N LEU A 34 -30.58 10.22 -12.81
CA LEU A 34 -29.52 11.19 -13.11
C LEU A 34 -29.91 12.57 -12.60
N ASN A 35 -28.93 13.47 -12.47
CA ASN A 35 -29.25 14.81 -12.00
C ASN A 35 -30.09 15.60 -12.99
N ASP A 36 -30.13 15.14 -14.25
CA ASP A 36 -30.95 15.81 -15.25
C ASP A 36 -32.35 15.21 -15.35
N GLY A 37 -32.73 14.36 -14.40
CA GLY A 37 -34.06 13.78 -14.41
C GLY A 37 -34.30 12.40 -15.03
N ARG A 38 -33.47 12.01 -16.01
CA ARG A 38 -33.63 10.70 -16.64
C ARG A 38 -33.38 9.53 -15.68
N ASP A 39 -34.18 8.48 -15.81
CA ASP A 39 -34.00 7.29 -14.99
C ASP A 39 -32.83 6.53 -15.59
N ALA A 40 -32.22 5.65 -14.81
CA ALA A 40 -31.09 4.86 -15.30
C ALA A 40 -30.88 3.71 -14.35
N GLY A 41 -30.27 2.64 -14.87
CA GLY A 41 -30.00 1.48 -14.04
C GLY A 41 -28.52 1.12 -13.98
N LEU A 42 -28.03 0.80 -12.80
CA LEU A 42 -26.62 0.41 -12.66
C LEU A 42 -26.54 -1.12 -12.88
N LEU A 43 -25.68 -1.52 -13.80
CA LEU A 43 -25.48 -2.93 -14.12
C LEU A 43 -23.99 -3.21 -14.12
N LEU A 44 -23.34 -2.89 -13.01
CA LEU A 44 -21.90 -3.07 -12.88
C LEU A 44 -21.51 -4.40 -12.24
N PRO A 45 -20.26 -4.85 -12.46
CA PRO A 45 -19.87 -6.12 -11.84
C PRO A 45 -19.78 -5.83 -10.33
N ARG A 46 -20.13 -6.82 -9.51
CA ARG A 46 -20.12 -6.64 -8.06
C ARG A 46 -18.76 -6.31 -7.45
N GLY A 47 -18.80 -5.90 -6.18
CA GLY A 47 -17.58 -5.58 -5.46
C GLY A 47 -16.94 -4.24 -5.80
N LEU A 48 -17.67 -3.38 -6.49
CA LEU A 48 -17.13 -2.08 -6.85
C LEU A 48 -17.67 -1.00 -5.92
N LEU A 49 -16.79 -0.14 -5.45
CA LEU A 49 -17.20 0.94 -4.59
C LEU A 49 -17.10 2.19 -5.46
N LEU A 50 -18.23 2.80 -5.78
CA LEU A 50 -18.23 3.98 -6.63
C LEU A 50 -17.88 5.24 -5.83
N ARG A 51 -16.76 5.87 -6.17
CA ARG A 51 -16.31 7.10 -5.51
C ARG A 51 -16.67 8.34 -6.33
N GLY A 52 -16.86 9.47 -5.65
CA GLY A 52 -17.16 10.69 -6.37
C GLY A 52 -16.01 10.88 -7.35
N GLY A 53 -16.33 11.16 -8.61
CA GLY A 53 -15.29 11.35 -9.61
C GLY A 53 -15.32 10.24 -10.65
N ASP A 54 -15.73 9.04 -10.25
CA ASP A 54 -15.77 7.93 -11.20
C ASP A 54 -16.72 8.24 -12.36
N VAL A 55 -16.43 7.67 -13.51
CA VAL A 55 -17.22 7.89 -14.71
C VAL A 55 -17.78 6.54 -15.22
N LEU A 56 -19.10 6.48 -15.32
CA LEU A 56 -19.76 5.27 -15.77
C LEU A 56 -20.11 5.45 -17.25
N SER A 57 -20.16 4.34 -17.97
CA SER A 57 -20.49 4.39 -19.40
C SER A 57 -21.48 3.30 -19.83
N ASN A 58 -22.26 3.57 -20.86
CA ASN A 58 -23.19 2.56 -21.36
C ASN A 58 -22.38 1.59 -22.20
N GLU A 59 -22.92 0.39 -22.40
CA GLU A 59 -22.23 -0.65 -23.15
C GLU A 59 -21.58 -0.20 -24.45
N GLU A 60 -22.23 0.70 -25.18
CA GLU A 60 -21.67 1.17 -26.44
C GLU A 60 -20.50 2.14 -26.26
N GLY A 61 -20.78 3.30 -25.67
CA GLY A 61 -19.75 4.31 -25.46
C GLY A 61 -20.23 5.68 -25.91
N THR A 62 -21.49 5.99 -25.60
CA THR A 62 -22.07 7.27 -25.98
C THR A 62 -22.65 8.03 -24.80
N GLU A 63 -22.55 7.46 -23.61
CA GLU A 63 -23.07 8.11 -22.41
C GLU A 63 -22.04 7.94 -21.29
N PHE A 64 -21.53 9.05 -20.79
CA PHE A 64 -20.55 9.00 -19.72
C PHE A 64 -21.04 9.80 -18.52
N VAL A 65 -21.44 9.07 -17.48
CA VAL A 65 -22.00 9.66 -16.26
C VAL A 65 -21.01 9.83 -15.12
N GLN A 66 -20.87 11.07 -14.67
CA GLN A 66 -19.99 11.41 -13.56
C GLN A 66 -20.68 11.18 -12.22
N VAL A 67 -20.05 10.38 -11.37
CA VAL A 67 -20.62 10.08 -10.06
C VAL A 67 -20.19 11.11 -9.03
N ILE A 68 -21.14 11.55 -8.22
CA ILE A 68 -20.88 12.52 -7.18
C ILE A 68 -21.45 12.00 -5.85
N ALA A 69 -20.67 12.07 -4.79
CA ALA A 69 -21.13 11.64 -3.48
C ALA A 69 -22.14 12.61 -2.87
N ALA A 70 -23.34 12.12 -2.57
CA ALA A 70 -24.39 12.98 -2.01
C ALA A 70 -24.17 13.44 -0.57
N ASP A 71 -24.92 14.47 -0.18
CA ASP A 71 -24.87 14.97 1.19
C ASP A 71 -25.72 14.00 2.00
N GLU A 72 -25.14 13.42 3.05
CA GLU A 72 -25.84 12.47 3.90
C GLU A 72 -25.84 12.91 5.36
N GLU A 73 -26.82 12.40 6.11
CA GLU A 73 -26.93 12.69 7.53
C GLU A 73 -25.73 12.05 8.23
N VAL A 74 -24.78 12.85 8.67
CA VAL A 74 -23.63 12.27 9.33
C VAL A 74 -23.39 12.94 10.66
N SER A 75 -22.44 12.38 11.41
CA SER A 75 -22.05 12.89 12.70
C SER A 75 -20.64 13.38 12.45
N VAL A 76 -20.31 14.54 12.98
CA VAL A 76 -18.96 15.05 12.77
C VAL A 76 -18.19 15.01 14.09
N VAL A 77 -16.89 14.79 13.98
CA VAL A 77 -16.02 14.74 15.16
C VAL A 77 -14.72 15.42 14.76
N ARG A 78 -14.53 16.62 15.27
CA ARG A 78 -13.32 17.37 14.98
C ARG A 78 -12.59 17.71 16.28
N CYS A 79 -11.27 17.81 16.21
CA CYS A 79 -10.46 18.15 17.38
C CYS A 79 -8.99 18.18 17.03
N ASP A 80 -8.35 19.32 17.32
CA ASP A 80 -6.94 19.52 17.05
C ASP A 80 -6.07 18.34 17.47
N ASP A 81 -6.46 17.68 18.55
CA ASP A 81 -5.72 16.54 19.08
C ASP A 81 -6.06 15.25 18.36
N PRO A 82 -5.12 14.74 17.54
CA PRO A 82 -5.28 13.51 16.76
C PRO A 82 -5.27 12.26 17.63
N PHE A 83 -4.57 12.32 18.77
CA PHE A 83 -4.49 11.20 19.68
C PHE A 83 -5.89 10.80 20.15
N MSE A 84 -6.73 11.78 20.45
CA MSE A 84 -8.09 11.47 20.89
C MSE A 84 -8.88 10.86 19.73
O MSE A 84 -9.70 9.97 19.94
CB MSE A 84 -8.79 12.72 21.42
CG MSE A 84 -8.33 13.10 22.83
SE MSE A 84 -9.53 14.32 23.74
CE MSE A 84 -10.71 13.02 24.57
N LEU A 85 -8.62 11.32 18.51
CA LEU A 85 -9.30 10.78 17.36
C LEU A 85 -8.87 9.34 17.15
N ALA A 86 -7.57 9.09 17.30
CA ALA A 86 -7.03 7.74 17.16
C ALA A 86 -7.81 6.77 18.05
N LYS A 87 -8.14 7.19 19.27
CA LYS A 87 -8.89 6.33 20.17
C LYS A 87 -10.32 6.18 19.69
N ALA A 88 -10.85 7.24 19.09
CA ALA A 88 -12.21 7.21 18.56
C ALA A 88 -12.26 6.26 17.37
N CYS A 89 -11.23 6.32 16.52
CA CYS A 89 -11.16 5.45 15.35
C CYS A 89 -11.08 3.99 15.81
N TYR A 90 -10.32 3.74 16.87
CA TYR A 90 -10.20 2.38 17.41
C TYR A 90 -11.55 1.89 17.94
N ALA A 91 -12.26 2.78 18.64
CA ALA A 91 -13.55 2.42 19.20
C ALA A 91 -14.58 2.18 18.11
N LEU A 92 -14.62 3.07 17.14
CA LEU A 92 -15.56 2.93 16.03
C LEU A 92 -15.18 1.69 15.22
N GLY A 93 -13.89 1.47 15.05
CA GLY A 93 -13.43 0.29 14.32
C GLY A 93 -13.87 -0.99 15.01
N ASN A 94 -13.78 -0.99 16.33
CA ASN A 94 -14.18 -2.14 17.13
C ASN A 94 -15.66 -2.42 16.98
N ARG A 95 -16.43 -1.40 16.63
CA ARG A 95 -17.86 -1.59 16.43
C ARG A 95 -18.23 -1.70 14.95
N HIS A 96 -17.21 -1.76 14.09
CA HIS A 96 -17.44 -1.90 12.65
C HIS A 96 -18.26 -0.75 12.02
N VAL A 97 -18.03 0.46 12.49
CA VAL A 97 -18.72 1.60 11.95
C VAL A 97 -18.00 2.12 10.72
N PRO A 98 -18.72 2.22 9.58
CA PRO A 98 -18.10 2.72 8.35
C PRO A 98 -17.59 4.12 8.71
N LEU A 99 -16.31 4.38 8.44
CA LEU A 99 -15.74 5.65 8.84
C LEU A 99 -14.90 6.37 7.80
N GLN A 100 -15.02 7.69 7.78
CA GLN A 100 -14.25 8.52 6.87
C GLN A 100 -13.13 9.12 7.72
N ILE A 101 -11.89 8.98 7.24
CA ILE A 101 -10.76 9.49 8.00
C ILE A 101 -9.87 10.50 7.27
N MSE A 102 -9.81 11.69 7.85
CA MSE A 102 -9.00 12.78 7.31
C MSE A 102 -8.31 13.45 8.47
O MSE A 102 -8.81 13.42 9.61
CB MSE A 102 -9.87 13.83 6.62
CG MSE A 102 -10.73 13.34 5.50
SE MSE A 102 -12.07 14.70 5.19
CE MSE A 102 -13.16 14.40 6.76
N PRO A 103 -7.15 14.07 8.22
CA PRO A 103 -6.43 14.75 9.29
C PRO A 103 -7.37 15.72 9.99
N GLY A 104 -7.51 15.57 11.30
CA GLY A 104 -8.37 16.47 12.04
C GLY A 104 -9.87 16.25 11.96
N GLU A 105 -10.35 15.39 11.07
CA GLU A 105 -11.79 15.18 11.00
C GLU A 105 -12.26 13.74 10.77
N LEU A 106 -13.45 13.44 11.30
CA LEU A 106 -14.07 12.12 11.18
C LEU A 106 -15.60 12.23 11.02
N ARG A 107 -16.16 11.39 10.17
CA ARG A 107 -17.60 11.37 9.95
C ARG A 107 -18.08 9.94 9.86
N TYR A 108 -19.33 9.72 10.19
CA TYR A 108 -19.95 8.41 10.10
C TYR A 108 -21.45 8.55 10.10
N HIS A 109 -22.14 7.56 9.53
CA HIS A 109 -23.59 7.55 9.44
C HIS A 109 -24.19 7.95 10.78
N HIS A 110 -25.11 8.90 10.76
CA HIS A 110 -25.74 9.41 11.98
C HIS A 110 -26.26 8.31 12.90
N ASP A 111 -25.93 8.39 14.18
CA ASP A 111 -26.35 7.38 15.14
C ASP A 111 -26.23 7.92 16.56
N HIS A 112 -27.39 8.26 17.14
CA HIS A 112 -27.45 8.81 18.48
C HIS A 112 -26.65 8.06 19.54
N VAL A 113 -26.80 6.74 19.57
CA VAL A 113 -26.09 5.92 20.55
C VAL A 113 -24.59 6.15 20.44
N LEU A 114 -24.07 6.18 19.22
CA LEU A 114 -22.64 6.41 18.98
C LEU A 114 -22.25 7.81 19.41
N ASP A 115 -23.11 8.77 19.09
CA ASP A 115 -22.87 10.16 19.44
C ASP A 115 -22.64 10.30 20.94
N ASP A 116 -23.60 9.84 21.73
CA ASP A 116 -23.50 9.94 23.18
C ASP A 116 -22.30 9.17 23.73
N MSE A 117 -22.02 7.99 23.17
CA MSE A 117 -20.88 7.20 23.63
C MSE A 117 -19.62 8.07 23.52
O MSE A 117 -18.88 8.24 24.49
CB MSE A 117 -20.70 5.92 22.81
CG MSE A 117 -19.71 4.93 23.41
SE MSE A 117 -19.16 3.48 22.25
CE MSE A 117 -17.57 4.30 21.52
N LEU A 118 -19.38 8.61 22.34
CA LEU A 118 -18.21 9.46 22.14
C LEU A 118 -18.38 10.69 23.02
N ARG A 119 -19.63 11.01 23.36
CA ARG A 119 -19.96 12.15 24.20
C ARG A 119 -19.72 11.82 25.68
N GLN A 120 -18.90 10.81 25.93
CA GLN A 120 -18.56 10.41 27.28
C GLN A 120 -17.04 10.37 27.28
N PHE A 121 -16.48 10.35 26.08
CA PHE A 121 -15.04 10.34 25.88
C PHE A 121 -14.65 11.81 25.97
N GLY A 122 -15.67 12.66 26.00
CA GLY A 122 -15.46 14.08 26.07
C GLY A 122 -15.44 14.72 24.69
N LEU A 123 -15.44 13.87 23.67
CA LEU A 123 -15.41 14.31 22.28
C LEU A 123 -16.55 15.26 21.92
N THR A 124 -16.30 16.17 20.98
CA THR A 124 -17.32 17.11 20.51
C THR A 124 -17.98 16.46 19.30
N VAL A 125 -19.31 16.30 19.35
CA VAL A 125 -20.03 15.66 18.26
C VAL A 125 -21.22 16.44 17.73
N THR A 126 -21.14 16.84 16.45
CA THR A 126 -22.18 17.60 15.78
C THR A 126 -22.87 16.80 14.68
N PHE A 127 -23.79 17.45 13.98
CA PHE A 127 -24.51 16.80 12.89
C PHE A 127 -24.69 17.73 11.70
N GLY A 128 -24.69 17.15 10.50
CA GLY A 128 -24.86 17.92 9.29
C GLY A 128 -24.91 17.07 8.03
N GLN A 129 -25.61 17.55 7.00
CA GLN A 129 -25.74 16.85 5.72
C GLN A 129 -24.44 17.08 4.92
N LEU A 130 -23.63 16.04 4.81
CA LEU A 130 -22.34 16.13 4.11
C LEU A 130 -21.98 14.92 3.23
N PRO A 131 -21.03 15.12 2.29
CA PRO A 131 -20.63 13.99 1.44
C PRO A 131 -19.90 13.00 2.35
N PHE A 132 -20.10 11.70 2.12
CA PHE A 132 -19.52 10.67 2.96
C PHE A 132 -18.74 9.63 2.17
N GLU A 133 -17.43 9.62 2.38
CA GLU A 133 -16.53 8.67 1.71
C GLU A 133 -15.77 7.87 2.78
N PRO A 134 -16.34 6.74 3.21
CA PRO A 134 -15.69 5.91 4.24
C PRO A 134 -14.52 5.12 3.69
N GLU A 135 -13.59 4.72 4.56
CA GLU A 135 -12.44 3.92 4.14
C GLU A 135 -12.98 2.61 3.58
N ALA A 136 -12.37 2.11 2.50
CA ALA A 136 -12.81 0.87 1.86
C ALA A 136 -13.05 -0.26 2.85
N GLY A 137 -14.00 -1.13 2.51
CA GLY A 137 -14.35 -2.25 3.37
C GLY A 137 -15.85 -2.33 3.58
N ALA A 138 -16.55 -1.26 3.23
CA ALA A 138 -18.00 -1.18 3.38
C ALA A 138 -18.50 0.22 3.00
N MSE B 1 -10.42 37.13 -17.07
CA MSE B 1 -10.32 35.75 -17.63
C MSE B 1 -10.65 34.70 -16.56
O MSE B 1 -10.59 34.98 -15.36
CB MSE B 1 -8.91 35.50 -18.17
CG MSE B 1 -8.78 34.21 -18.95
SE MSE B 1 -6.94 33.65 -19.14
CE MSE B 1 -6.40 34.86 -20.55
N LEU B 2 -10.97 33.49 -17.00
CA LEU B 2 -11.32 32.39 -16.11
C LEU B 2 -10.07 31.68 -15.61
N TYR B 3 -9.96 31.48 -14.29
CA TYR B 3 -8.81 30.80 -13.73
C TYR B 3 -9.17 29.62 -12.85
N LEU B 4 -8.51 28.48 -13.10
CA LEU B 4 -8.75 27.27 -12.33
C LEU B 4 -7.58 27.19 -11.37
N THR B 5 -7.90 27.34 -10.09
CA THR B 5 -6.90 27.38 -9.01
C THR B 5 -6.78 26.20 -8.03
N GLN B 6 -7.44 25.09 -8.31
CA GLN B 6 -7.35 23.97 -7.39
C GLN B 6 -8.04 22.70 -7.83
N ARG B 7 -7.66 21.60 -7.19
CA ARG B 7 -8.24 20.28 -7.45
C ARG B 7 -8.91 19.87 -6.16
N LEU B 8 -10.24 19.84 -6.17
CA LEU B 8 -10.99 19.46 -4.99
C LEU B 8 -10.65 18.05 -4.56
N GLU B 9 -10.54 17.82 -3.26
CA GLU B 9 -10.24 16.47 -2.77
C GLU B 9 -11.53 15.66 -2.97
N ILE B 10 -12.64 16.38 -3.10
CA ILE B 10 -13.95 15.79 -3.31
C ILE B 10 -14.54 16.38 -4.59
N PRO B 11 -14.61 15.58 -5.66
CA PRO B 11 -15.16 16.11 -6.91
C PRO B 11 -16.55 16.70 -6.75
N ALA B 12 -16.89 17.63 -7.64
CA ALA B 12 -18.21 18.25 -7.65
C ALA B 12 -18.74 18.02 -9.06
N ALA B 13 -20.05 18.06 -9.26
CA ALA B 13 -20.58 17.85 -10.60
C ALA B 13 -19.93 18.86 -11.54
N ALA B 14 -19.25 18.36 -12.57
CA ALA B 14 -18.56 19.24 -13.52
C ALA B 14 -19.50 20.09 -14.36
N THR B 15 -19.08 21.32 -14.67
CA THR B 15 -19.88 22.23 -15.51
C THR B 15 -19.15 22.49 -16.82
N ALA B 16 -18.05 21.76 -17.01
CA ALA B 16 -17.24 21.90 -18.22
C ALA B 16 -16.12 20.87 -18.17
N SER B 17 -15.35 20.78 -19.24
CA SER B 17 -14.25 19.83 -19.29
C SER B 17 -13.06 20.37 -20.08
N VAL B 18 -11.91 19.75 -19.90
CA VAL B 18 -10.69 20.12 -20.60
C VAL B 18 -9.91 18.84 -20.89
N THR B 19 -9.53 18.68 -22.16
CA THR B 19 -8.82 17.50 -22.66
C THR B 19 -7.36 17.84 -22.94
N LEU B 20 -6.45 17.35 -22.10
CA LEU B 20 -5.05 17.66 -22.23
C LEU B 20 -4.10 16.44 -22.30
N PRO B 21 -2.93 16.63 -22.95
CA PRO B 21 -1.89 15.59 -23.10
C PRO B 21 -1.09 15.49 -21.78
N ILE B 22 -0.35 14.40 -21.59
CA ILE B 22 0.42 14.23 -20.37
C ILE B 22 1.42 15.36 -20.07
N ASP B 23 2.14 15.82 -21.08
CA ASP B 23 3.11 16.88 -20.86
C ASP B 23 2.49 18.14 -20.27
N VAL B 24 1.25 18.46 -20.67
CA VAL B 24 0.59 19.64 -20.11
C VAL B 24 0.00 19.36 -18.73
N ARG B 25 -0.58 18.19 -18.55
CA ARG B 25 -1.20 17.84 -17.28
C ARG B 25 -0.20 17.80 -16.11
N VAL B 26 1.10 17.87 -16.42
CA VAL B 26 2.12 17.86 -15.35
C VAL B 26 2.55 19.27 -14.97
N LYS B 27 2.07 20.26 -15.72
CA LYS B 27 2.39 21.66 -15.46
C LYS B 27 1.46 22.29 -14.42
N SER B 28 1.83 23.46 -13.92
CA SER B 28 1.05 24.17 -12.91
C SER B 28 0.58 25.51 -13.46
N ARG B 29 1.38 26.06 -14.36
CA ARG B 29 1.05 27.33 -14.97
C ARG B 29 1.01 27.12 -16.48
N VAL B 30 -0.15 27.37 -17.06
CA VAL B 30 -0.32 27.21 -18.50
C VAL B 30 -1.72 27.62 -18.89
N LYS B 31 -1.85 28.13 -20.12
CA LYS B 31 -3.12 28.57 -20.65
C LYS B 31 -3.69 27.39 -21.42
N VAL B 32 -5.01 27.24 -21.40
CA VAL B 32 -5.65 26.12 -22.08
C VAL B 32 -7.03 26.52 -22.61
N THR B 33 -7.62 25.65 -23.40
CA THR B 33 -8.94 25.92 -23.94
C THR B 33 -9.90 24.83 -23.51
N LEU B 34 -10.92 25.19 -22.75
CA LEU B 34 -11.91 24.23 -22.30
C LEU B 34 -12.62 23.70 -23.54
N ASN B 35 -13.36 22.61 -23.38
CA ASN B 35 -14.06 22.06 -24.54
C ASN B 35 -15.25 22.89 -25.00
N ASP B 36 -15.71 23.83 -24.18
CA ASP B 36 -16.83 24.66 -24.61
C ASP B 36 -16.32 25.94 -25.26
N GLY B 37 -15.00 26.05 -25.40
CA GLY B 37 -14.43 27.22 -26.02
C GLY B 37 -13.86 28.24 -25.07
N ARG B 38 -14.62 28.56 -24.02
CA ARG B 38 -14.16 29.53 -23.04
C ARG B 38 -12.72 29.20 -22.64
N ASP B 39 -11.78 30.03 -23.04
CA ASP B 39 -10.39 29.76 -22.67
C ASP B 39 -10.26 29.93 -21.15
N ALA B 40 -9.19 29.38 -20.59
CA ALA B 40 -8.98 29.46 -19.15
C ALA B 40 -7.51 29.26 -18.86
N GLY B 41 -7.09 29.61 -17.66
CA GLY B 41 -5.69 29.43 -17.31
C GLY B 41 -5.50 28.62 -16.06
N LEU B 42 -4.49 27.75 -16.08
CA LEU B 42 -4.20 26.92 -14.92
C LEU B 42 -3.30 27.69 -13.96
N LEU B 43 -3.67 27.69 -12.69
CA LEU B 43 -2.93 28.36 -11.63
C LEU B 43 -2.98 27.43 -10.44
N LEU B 44 -2.41 26.24 -10.61
CA LEU B 44 -2.41 25.22 -9.58
C LEU B 44 -1.12 25.12 -8.79
N PRO B 45 -1.16 24.45 -7.63
CA PRO B 45 0.07 24.30 -6.86
C PRO B 45 0.98 23.30 -7.55
N ARG B 46 2.26 23.66 -7.67
CA ARG B 46 3.23 22.79 -8.31
C ARG B 46 3.27 21.41 -7.66
N GLY B 47 3.75 20.42 -8.40
CA GLY B 47 3.83 19.08 -7.87
C GLY B 47 2.69 18.12 -8.20
N LEU B 48 1.60 18.65 -8.75
CA LEU B 48 0.46 17.82 -9.07
C LEU B 48 0.53 17.20 -10.47
N LEU B 49 -0.11 16.06 -10.60
CA LEU B 49 -0.19 15.35 -11.87
C LEU B 49 -1.68 15.22 -12.13
N LEU B 50 -2.20 16.00 -13.08
CA LEU B 50 -3.62 15.97 -13.39
C LEU B 50 -4.00 14.69 -14.09
N ARG B 51 -4.93 13.94 -13.50
CA ARG B 51 -5.39 12.67 -14.07
C ARG B 51 -6.80 12.79 -14.61
N GLY B 52 -7.10 12.00 -15.64
CA GLY B 52 -8.44 12.00 -16.20
C GLY B 52 -9.42 11.69 -15.08
N GLY B 53 -10.40 12.57 -14.87
CA GLY B 53 -11.34 12.33 -13.80
C GLY B 53 -11.30 13.41 -12.74
N ASP B 54 -10.15 14.05 -12.59
CA ASP B 54 -10.00 15.12 -11.61
C ASP B 54 -10.90 16.29 -11.96
N VAL B 55 -11.33 17.02 -10.93
CA VAL B 55 -12.17 18.19 -11.10
C VAL B 55 -11.48 19.44 -10.51
N LEU B 56 -11.39 20.48 -11.31
CA LEU B 56 -10.76 21.72 -10.90
C LEU B 56 -11.82 22.81 -10.71
N SER B 57 -11.60 23.71 -9.76
CA SER B 57 -12.54 24.80 -9.52
C SER B 57 -11.77 26.04 -9.10
N ASN B 58 -12.39 27.22 -9.26
CA ASN B 58 -11.75 28.47 -8.87
C ASN B 58 -11.84 28.67 -7.37
N GLU B 59 -11.89 29.93 -6.95
CA GLU B 59 -11.96 30.25 -5.53
C GLU B 59 -13.42 30.40 -5.11
N GLU B 60 -14.19 31.08 -5.95
CA GLU B 60 -15.61 31.29 -5.70
C GLU B 60 -16.42 30.00 -5.61
N GLY B 61 -15.93 28.94 -6.26
CA GLY B 61 -16.62 27.65 -6.24
C GLY B 61 -17.92 27.66 -7.03
N THR B 62 -17.85 28.15 -8.27
CA THR B 62 -19.03 28.24 -9.13
C THR B 62 -18.74 27.54 -10.46
N GLU B 63 -17.46 27.25 -10.68
CA GLU B 63 -17.03 26.60 -11.90
C GLU B 63 -16.25 25.33 -11.54
N PHE B 64 -16.62 24.22 -12.16
CA PHE B 64 -15.94 22.96 -11.90
C PHE B 64 -15.57 22.33 -13.22
N VAL B 65 -14.26 22.17 -13.44
CA VAL B 65 -13.76 21.66 -14.69
C VAL B 65 -13.15 20.28 -14.61
N GLN B 66 -13.69 19.37 -15.41
CA GLN B 66 -13.23 17.98 -15.45
C GLN B 66 -12.11 17.80 -16.46
N VAL B 67 -11.06 17.14 -16.00
CA VAL B 67 -9.90 16.86 -16.83
C VAL B 67 -10.04 15.51 -17.55
N ILE B 68 -9.74 15.51 -18.85
CA ILE B 68 -9.79 14.33 -19.68
C ILE B 68 -8.43 14.16 -20.40
N ALA B 69 -7.91 12.94 -20.41
CA ALA B 69 -6.63 12.67 -21.06
C ALA B 69 -6.77 12.71 -22.59
N ALA B 70 -5.93 13.50 -23.23
CA ALA B 70 -5.97 13.67 -24.68
C ALA B 70 -5.25 12.59 -25.48
N ASP B 71 -5.66 12.41 -26.73
CA ASP B 71 -5.02 11.44 -27.60
C ASP B 71 -3.61 11.95 -27.92
N GLU B 72 -2.64 11.05 -27.87
CA GLU B 72 -1.25 11.42 -28.16
C GLU B 72 -0.60 10.35 -29.02
N GLU B 73 0.50 10.71 -29.66
CA GLU B 73 1.24 9.76 -30.48
C GLU B 73 1.92 8.77 -29.54
N VAL B 74 1.58 7.51 -29.67
CA VAL B 74 2.15 6.48 -28.81
C VAL B 74 2.48 5.20 -29.54
N SER B 75 3.44 4.47 -29.00
CA SER B 75 3.80 3.19 -29.57
C SER B 75 2.94 2.24 -28.77
N VAL B 76 2.25 1.34 -29.48
CA VAL B 76 1.36 0.38 -28.84
C VAL B 76 1.94 -1.02 -28.83
N VAL B 77 2.09 -1.59 -27.64
CA VAL B 77 2.63 -2.93 -27.51
C VAL B 77 1.59 -3.86 -26.91
N ARG B 78 1.07 -4.76 -27.73
CA ARG B 78 0.08 -5.71 -27.29
C ARG B 78 0.71 -7.10 -27.30
N CYS B 79 0.40 -7.89 -26.28
CA CYS B 79 0.93 -9.24 -26.18
C CYS B 79 0.17 -9.95 -25.09
N ASP B 80 -0.41 -11.10 -25.42
CA ASP B 80 -1.16 -11.89 -24.44
C ASP B 80 -0.24 -12.23 -23.28
N ASP B 81 0.62 -13.22 -23.53
CA ASP B 81 1.59 -13.69 -22.55
C ASP B 81 2.13 -12.54 -21.71
N PRO B 82 1.64 -12.41 -20.46
CA PRO B 82 2.05 -11.36 -19.53
C PRO B 82 3.56 -11.38 -19.27
N PHE B 83 4.10 -12.57 -19.04
CA PHE B 83 5.52 -12.77 -18.77
C PHE B 83 6.38 -11.92 -19.69
N MSE B 84 6.12 -11.97 -21.00
CA MSE B 84 6.90 -11.19 -21.94
C MSE B 84 6.68 -9.69 -21.76
O MSE B 84 7.56 -8.89 -22.09
CB MSE B 84 6.57 -11.59 -23.39
CG MSE B 84 7.31 -12.82 -23.89
SE MSE B 84 6.73 -13.34 -25.66
CE MSE B 84 7.86 -12.17 -26.71
N LEU B 85 5.51 -9.31 -21.25
CA LEU B 85 5.24 -7.90 -21.03
C LEU B 85 6.04 -7.42 -19.82
N ALA B 86 6.16 -8.28 -18.81
CA ALA B 86 6.92 -7.95 -17.62
C ALA B 86 8.38 -7.69 -17.97
N LYS B 87 8.93 -8.46 -18.91
CA LYS B 87 10.32 -8.27 -19.32
C LYS B 87 10.50 -6.95 -20.06
N ALA B 88 9.45 -6.52 -20.77
CA ALA B 88 9.50 -5.26 -21.49
C ALA B 88 9.37 -4.12 -20.48
N CYS B 89 8.47 -4.32 -19.50
CA CYS B 89 8.26 -3.34 -18.44
C CYS B 89 9.56 -3.09 -17.68
N TYR B 90 10.26 -4.17 -17.36
CA TYR B 90 11.53 -4.06 -16.64
C TYR B 90 12.56 -3.32 -17.49
N ALA B 91 12.62 -3.66 -18.78
CA ALA B 91 13.56 -3.06 -19.70
C ALA B 91 13.27 -1.58 -19.93
N LEU B 92 11.99 -1.22 -19.96
CA LEU B 92 11.62 0.17 -20.18
C LEU B 92 11.84 0.97 -18.90
N GLY B 93 11.61 0.34 -17.74
CA GLY B 93 11.86 1.04 -16.50
C GLY B 93 13.34 1.35 -16.43
N ASN B 94 14.14 0.36 -16.83
CA ASN B 94 15.60 0.49 -16.83
C ASN B 94 16.01 1.72 -17.65
N ARG B 95 15.28 2.01 -18.72
CA ARG B 95 15.58 3.18 -19.54
C ARG B 95 14.70 4.40 -19.23
N HIS B 96 14.14 4.42 -18.03
CA HIS B 96 13.28 5.50 -17.56
C HIS B 96 12.20 6.01 -18.53
N VAL B 97 11.60 5.08 -19.27
CA VAL B 97 10.55 5.40 -20.24
C VAL B 97 9.20 5.50 -19.54
N PRO B 98 8.55 6.67 -19.58
CA PRO B 98 7.23 6.77 -18.92
C PRO B 98 6.36 5.74 -19.61
N LEU B 99 5.73 4.88 -18.82
CA LEU B 99 4.94 3.79 -19.38
C LEU B 99 3.56 3.59 -18.80
N GLN B 100 2.62 3.27 -19.67
CA GLN B 100 1.27 2.98 -19.23
C GLN B 100 1.23 1.46 -19.25
N ILE B 101 0.81 0.88 -18.14
CA ILE B 101 0.74 -0.56 -18.01
C ILE B 101 -0.69 -1.05 -17.74
N MSE B 102 -1.18 -1.90 -18.64
CA MSE B 102 -2.52 -2.49 -18.52
C MSE B 102 -2.39 -3.98 -18.86
O MSE B 102 -1.48 -4.38 -19.60
CB MSE B 102 -3.50 -1.90 -19.55
CG MSE B 102 -3.67 -0.40 -19.52
SE MSE B 102 -4.69 0.11 -21.10
CE MSE B 102 -3.23 0.31 -22.36
N PRO B 103 -3.29 -4.82 -18.36
CA PRO B 103 -3.12 -6.22 -18.74
C PRO B 103 -3.21 -6.37 -20.26
N GLY B 104 -2.19 -6.95 -20.87
CA GLY B 104 -2.23 -7.12 -22.32
C GLY B 104 -1.76 -5.96 -23.18
N GLU B 105 -1.52 -4.80 -22.58
CA GLU B 105 -1.07 -3.65 -23.37
C GLU B 105 -0.24 -2.63 -22.62
N LEU B 106 0.82 -2.17 -23.29
CA LEU B 106 1.69 -1.15 -22.73
C LEU B 106 1.66 -0.01 -23.74
N ARG B 107 1.88 1.22 -23.26
CA ARG B 107 1.89 2.38 -24.15
C ARG B 107 2.95 3.37 -23.70
N TYR B 108 3.66 3.97 -24.65
CA TYR B 108 4.68 4.97 -24.33
C TYR B 108 4.84 5.93 -25.52
N HIS B 109 5.40 7.11 -25.29
CA HIS B 109 5.58 8.08 -26.37
C HIS B 109 6.25 7.40 -27.55
N HIS B 110 5.71 7.61 -28.75
CA HIS B 110 6.24 6.97 -29.96
C HIS B 110 7.72 7.23 -30.18
N ASP B 111 8.52 6.17 -30.09
CA ASP B 111 9.98 6.25 -30.24
C ASP B 111 10.54 5.06 -31.04
N HIS B 112 11.14 5.35 -32.20
CA HIS B 112 11.70 4.30 -33.06
C HIS B 112 12.83 3.48 -32.43
N VAL B 113 13.81 4.15 -31.85
CA VAL B 113 14.91 3.42 -31.24
C VAL B 113 14.37 2.36 -30.27
N LEU B 114 13.40 2.75 -29.46
CA LEU B 114 12.80 1.82 -28.50
C LEU B 114 11.91 0.84 -29.24
N ASP B 115 11.35 1.25 -30.37
CA ASP B 115 10.50 0.35 -31.14
C ASP B 115 11.31 -0.78 -31.77
N ASP B 116 12.53 -0.49 -32.22
CA ASP B 116 13.36 -1.53 -32.83
C ASP B 116 13.92 -2.47 -31.76
N MSE B 117 14.14 -1.95 -30.56
CA MSE B 117 14.68 -2.74 -29.48
C MSE B 117 13.69 -3.81 -29.04
O MSE B 117 14.03 -4.98 -28.94
CB MSE B 117 15.03 -1.86 -28.28
CG MSE B 117 15.84 -2.58 -27.21
SE MSE B 117 15.41 -2.02 -25.43
CE MSE B 117 14.10 -3.37 -25.02
N LEU B 118 12.45 -3.39 -28.78
CA LEU B 118 11.43 -4.32 -28.34
C LEU B 118 11.11 -5.32 -29.45
N ARG B 119 11.28 -4.89 -30.70
CA ARG B 119 11.01 -5.77 -31.84
C ARG B 119 12.00 -6.92 -31.88
N GLN B 120 13.20 -6.69 -31.35
CA GLN B 120 14.22 -7.73 -31.32
C GLN B 120 13.90 -8.72 -30.21
N PHE B 121 13.00 -8.32 -29.30
CA PHE B 121 12.59 -9.19 -28.21
C PHE B 121 11.42 -10.02 -28.71
N GLY B 122 11.11 -9.83 -29.99
CA GLY B 122 10.01 -10.56 -30.61
C GLY B 122 8.65 -9.92 -30.35
N LEU B 123 8.65 -8.67 -29.92
CA LEU B 123 7.40 -7.98 -29.64
C LEU B 123 6.86 -7.29 -30.89
N THR B 124 5.54 -7.23 -31.02
CA THR B 124 4.95 -6.54 -32.15
C THR B 124 4.54 -5.15 -31.69
N VAL B 125 5.25 -4.15 -32.19
CA VAL B 125 5.03 -2.76 -31.82
C VAL B 125 4.31 -2.02 -32.93
N THR B 126 3.15 -1.46 -32.61
CA THR B 126 2.38 -0.70 -33.58
C THR B 126 2.30 0.79 -33.20
N PHE B 127 1.38 1.52 -33.83
CA PHE B 127 1.25 2.94 -33.57
C PHE B 127 -0.20 3.36 -33.41
N GLY B 128 -0.42 4.44 -32.66
CA GLY B 128 -1.77 4.92 -32.46
C GLY B 128 -1.85 6.28 -31.80
N GLN B 129 -3.03 6.89 -31.87
CA GLN B 129 -3.30 8.18 -31.24
C GLN B 129 -4.27 7.78 -30.12
N LEU B 130 -3.76 7.70 -28.90
CA LEU B 130 -4.59 7.28 -27.77
C LEU B 130 -4.27 7.99 -26.45
N PRO B 131 -5.15 7.84 -25.45
CA PRO B 131 -4.97 8.45 -24.13
C PRO B 131 -3.71 7.84 -23.52
N PHE B 132 -2.93 8.65 -22.82
CA PHE B 132 -1.71 8.14 -22.22
C PHE B 132 -1.61 8.51 -20.74
N GLU B 133 -1.81 7.52 -19.89
CA GLU B 133 -1.76 7.66 -18.44
C GLU B 133 -0.65 6.77 -17.89
N PRO B 134 0.60 7.24 -17.93
CA PRO B 134 1.70 6.42 -17.40
C PRO B 134 1.73 6.36 -15.87
N GLU B 135 2.43 5.35 -15.33
CA GLU B 135 2.57 5.20 -13.88
C GLU B 135 3.24 6.44 -13.29
N ALA B 136 2.94 6.75 -12.03
CA ALA B 136 3.54 7.90 -11.39
C ALA B 136 4.93 7.58 -10.88
N GLY B 137 5.86 7.39 -11.80
CA GLY B 137 7.23 7.07 -11.45
C GLY B 137 8.21 7.53 -12.51
N ALA B 138 7.70 8.29 -13.47
CA ALA B 138 8.52 8.81 -14.56
C ALA B 138 8.40 10.34 -14.66
N MSE C 1 -3.09 -16.06 55.13
CA MSE C 1 -2.27 -15.01 54.46
C MSE C 1 -3.00 -13.68 54.33
O MSE C 1 -4.03 -13.46 54.96
CB MSE C 1 -1.82 -15.50 53.07
CG MSE C 1 -2.95 -16.02 52.20
SE MSE C 1 -2.37 -16.54 50.42
CE MSE C 1 -1.76 -18.35 50.82
N LEU C 2 -2.45 -12.79 53.51
CA LEU C 2 -3.01 -11.46 53.26
C LEU C 2 -3.99 -11.51 52.10
N TYR C 3 -5.16 -10.89 52.27
CA TYR C 3 -6.15 -10.89 51.20
C TYR C 3 -6.46 -9.52 50.66
N LEU C 4 -6.28 -9.37 49.36
CA LEU C 4 -6.55 -8.11 48.67
C LEU C 4 -7.94 -8.22 48.07
N THR C 5 -8.87 -7.44 48.61
CA THR C 5 -10.25 -7.48 48.14
C THR C 5 -10.78 -6.17 47.56
N GLN C 6 -10.01 -5.10 47.65
CA GLN C 6 -10.47 -3.82 47.13
C GLN C 6 -9.36 -2.91 46.61
N ARG C 7 -9.75 -1.97 45.76
CA ARG C 7 -8.84 -1.00 45.17
C ARG C 7 -9.15 0.35 45.79
N LEU C 8 -8.20 0.89 46.56
CA LEU C 8 -8.41 2.19 47.20
C LEU C 8 -8.60 3.32 46.20
N GLU C 9 -9.73 4.02 46.32
CA GLU C 9 -10.05 5.14 45.45
C GLU C 9 -8.90 6.14 45.39
N ILE C 10 -8.09 6.15 46.44
CA ILE C 10 -6.94 7.05 46.52
C ILE C 10 -5.67 6.25 46.79
N PRO C 11 -4.79 6.14 45.77
CA PRO C 11 -3.53 5.41 45.90
C PRO C 11 -2.81 5.74 47.22
N ALA C 12 -2.99 4.87 48.21
CA ALA C 12 -2.40 5.06 49.53
C ALA C 12 -0.88 4.94 49.65
N ALA C 13 -0.42 4.18 50.65
CA ALA C 13 1.02 4.03 50.91
C ALA C 13 1.69 2.68 50.61
N ALA C 14 1.69 2.30 49.33
CA ALA C 14 2.30 1.06 48.85
C ALA C 14 2.99 0.22 49.93
N THR C 15 4.32 0.23 49.92
CA THR C 15 5.14 -0.53 50.86
C THR C 15 5.20 -2.01 50.49
N ALA C 16 4.87 -2.29 49.24
CA ALA C 16 4.88 -3.65 48.68
C ALA C 16 4.27 -3.63 47.27
N SER C 17 4.72 -4.54 46.40
CA SER C 17 4.20 -4.57 45.04
C SER C 17 4.07 -5.97 44.43
N VAL C 18 3.36 -6.02 43.30
CA VAL C 18 3.13 -7.27 42.59
C VAL C 18 3.06 -7.00 41.08
N THR C 19 3.84 -7.74 40.32
CA THR C 19 3.90 -7.58 38.86
C THR C 19 2.94 -8.54 38.14
N LEU C 20 2.04 -7.97 37.35
CA LEU C 20 1.04 -8.79 36.66
C LEU C 20 0.81 -8.39 35.20
N PRO C 21 0.59 -9.39 34.32
CA PRO C 21 0.34 -9.17 32.89
C PRO C 21 -1.11 -8.78 32.66
N ILE C 22 -1.42 -8.38 31.44
CA ILE C 22 -2.78 -7.96 31.08
C ILE C 22 -3.81 -9.05 31.28
N ASP C 23 -3.42 -10.31 31.07
CA ASP C 23 -4.36 -11.42 31.23
C ASP C 23 -4.63 -11.78 32.67
N VAL C 24 -3.77 -11.34 33.59
CA VAL C 24 -4.00 -11.62 35.00
C VAL C 24 -4.64 -10.39 35.66
N ARG C 25 -4.42 -9.22 35.09
CA ARG C 25 -5.04 -8.00 35.62
C ARG C 25 -6.52 -7.93 35.25
N VAL C 26 -6.95 -8.84 34.37
CA VAL C 26 -8.36 -8.90 33.98
C VAL C 26 -8.99 -10.08 34.72
N LYS C 27 -8.60 -10.25 35.97
CA LYS C 27 -9.10 -11.33 36.81
C LYS C 27 -9.49 -10.79 38.17
N SER C 28 -10.43 -11.45 38.83
CA SER C 28 -10.89 -11.03 40.16
C SER C 28 -10.45 -12.02 41.23
N ARG C 29 -10.24 -13.28 40.83
CA ARG C 29 -9.84 -14.35 41.74
C ARG C 29 -8.50 -14.97 41.30
N VAL C 30 -7.47 -14.86 42.15
CA VAL C 30 -6.15 -15.41 41.82
C VAL C 30 -5.14 -15.26 42.97
N LYS C 31 -4.34 -16.30 43.21
CA LYS C 31 -3.35 -16.28 44.29
C LYS C 31 -1.97 -15.86 43.77
N VAL C 32 -1.43 -14.79 44.33
CA VAL C 32 -0.13 -14.28 43.88
C VAL C 32 0.94 -14.16 44.98
N THR C 33 2.11 -13.67 44.57
CA THR C 33 3.22 -13.47 45.49
C THR C 33 3.75 -12.04 45.33
N LEU C 34 3.88 -11.33 46.45
CA LEU C 34 4.36 -9.97 46.47
C LEU C 34 5.85 -9.93 46.17
N ASN C 35 6.30 -8.88 45.48
CA ASN C 35 7.70 -8.75 45.13
C ASN C 35 8.60 -8.77 46.36
N ASP C 36 8.00 -8.85 47.55
CA ASP C 36 8.75 -8.87 48.80
C ASP C 36 8.87 -10.25 49.43
N GLY C 37 8.30 -11.26 48.77
CA GLY C 37 8.37 -12.62 49.29
C GLY C 37 7.11 -13.16 49.95
N ARG C 38 6.16 -12.28 50.28
CA ARG C 38 4.92 -12.73 50.92
C ARG C 38 3.87 -13.17 49.90
N ASP C 39 2.96 -14.03 50.33
CA ASP C 39 1.90 -14.48 49.44
C ASP C 39 0.60 -13.77 49.80
N ALA C 40 -0.19 -13.49 48.78
CA ALA C 40 -1.46 -12.82 48.99
C ALA C 40 -2.42 -13.35 47.93
N GLY C 41 -3.69 -13.43 48.30
CA GLY C 41 -4.68 -13.90 47.35
C GLY C 41 -5.51 -12.70 46.92
N LEU C 42 -5.73 -12.60 45.62
CA LEU C 42 -6.53 -11.51 45.09
C LEU C 42 -8.00 -11.89 45.05
N LEU C 43 -8.82 -11.12 45.78
CA LEU C 43 -10.27 -11.32 45.84
C LEU C 43 -10.94 -9.99 45.48
N LEU C 44 -10.65 -9.49 44.28
CA LEU C 44 -11.21 -8.22 43.83
C LEU C 44 -12.63 -8.30 43.27
N PRO C 45 -13.36 -7.18 43.28
CA PRO C 45 -14.73 -7.08 42.79
C PRO C 45 -14.84 -7.35 41.29
N ARG C 46 -15.91 -8.04 40.88
CA ARG C 46 -16.10 -8.36 39.46
C ARG C 46 -16.25 -7.07 38.65
N GLY C 47 -16.00 -7.18 37.35
CA GLY C 47 -16.13 -6.03 36.47
C GLY C 47 -15.00 -5.02 36.58
N LEU C 48 -13.79 -5.50 36.82
CA LEU C 48 -12.66 -4.60 36.96
C LEU C 48 -11.43 -4.93 36.12
N LEU C 49 -10.65 -3.89 35.86
CA LEU C 49 -9.43 -3.99 35.07
C LEU C 49 -8.30 -3.29 35.84
N LEU C 50 -7.31 -4.07 36.29
CA LEU C 50 -6.19 -3.52 37.05
C LEU C 50 -5.17 -2.84 36.15
N ARG C 51 -4.87 -1.58 36.46
CA ARG C 51 -3.89 -0.85 35.67
C ARG C 51 -2.62 -0.65 36.46
N GLY C 52 -1.50 -0.52 35.76
CA GLY C 52 -0.25 -0.29 36.44
C GLY C 52 -0.40 0.94 37.32
N GLY C 53 0.23 0.91 38.50
CA GLY C 53 0.13 2.02 39.41
C GLY C 53 -0.97 1.85 40.45
N ASP C 54 -2.02 1.14 40.10
CA ASP C 54 -3.14 0.88 41.01
C ASP C 54 -2.63 0.39 42.37
N VAL C 55 -3.40 0.66 43.41
CA VAL C 55 -3.04 0.21 44.76
C VAL C 55 -4.17 -0.59 45.36
N LEU C 56 -3.89 -1.84 45.71
CA LEU C 56 -4.88 -2.72 46.30
C LEU C 56 -4.70 -2.72 47.83
N SER C 57 -5.79 -2.99 48.54
CA SER C 57 -5.78 -3.02 50.00
C SER C 57 -6.68 -4.16 50.50
N ASN C 58 -6.64 -4.47 51.80
CA ASN C 58 -7.49 -5.52 52.36
C ASN C 58 -8.82 -4.91 52.76
N GLU C 59 -9.75 -5.72 53.29
CA GLU C 59 -11.03 -5.16 53.69
C GLU C 59 -10.90 -4.15 54.83
N GLU C 60 -10.32 -4.56 55.95
CA GLU C 60 -10.18 -3.64 57.09
C GLU C 60 -9.36 -2.42 56.69
N GLY C 61 -8.87 -2.41 55.47
CA GLY C 61 -8.09 -1.28 54.98
C GLY C 61 -6.86 -0.97 55.82
N THR C 62 -6.05 -1.98 56.11
CA THR C 62 -4.85 -1.79 56.90
C THR C 62 -3.56 -2.23 56.20
N GLU C 63 -3.66 -2.56 54.91
CA GLU C 63 -2.51 -3.00 54.14
C GLU C 63 -2.63 -2.57 52.69
N PHE C 64 -1.52 -2.17 52.07
CA PHE C 64 -1.56 -1.69 50.69
C PHE C 64 -0.50 -2.32 49.78
N VAL C 65 -0.92 -2.69 48.57
CA VAL C 65 -0.03 -3.29 47.58
C VAL C 65 -0.15 -2.61 46.22
N GLN C 66 1.00 -2.28 45.62
CA GLN C 66 0.99 -1.62 44.32
C GLN C 66 1.12 -2.58 43.14
N VAL C 67 0.25 -2.38 42.16
CA VAL C 67 0.21 -3.19 40.94
C VAL C 67 1.20 -2.68 39.88
N ILE C 68 2.07 -3.56 39.37
CA ILE C 68 3.01 -3.16 38.31
C ILE C 68 2.79 -4.05 37.09
N ALA C 69 2.53 -3.44 35.93
CA ALA C 69 2.31 -4.16 34.67
C ALA C 69 3.58 -4.87 34.20
N ALA C 70 3.44 -6.16 33.92
CA ALA C 70 4.56 -6.97 33.45
C ALA C 70 4.97 -6.68 32.00
N ASP C 71 6.17 -7.12 31.64
CA ASP C 71 6.67 -6.96 30.28
C ASP C 71 6.01 -8.03 29.41
N GLU C 72 5.79 -7.71 28.13
CA GLU C 72 5.18 -8.66 27.20
C GLU C 72 5.73 -8.51 25.78
N GLU C 73 5.67 -9.57 24.99
CA GLU C 73 6.17 -9.51 23.62
C GLU C 73 5.20 -8.72 22.74
N VAL C 74 5.60 -7.52 22.32
CA VAL C 74 4.72 -6.71 21.51
C VAL C 74 5.37 -6.20 20.23
N SER C 75 4.51 -5.88 19.26
CA SER C 75 4.97 -5.29 18.01
C SER C 75 4.83 -3.80 18.32
N VAL C 76 5.80 -2.99 17.90
CA VAL C 76 5.76 -1.55 18.17
C VAL C 76 5.57 -0.75 16.89
N VAL C 77 4.70 0.25 16.94
CA VAL C 77 4.45 1.10 15.79
C VAL C 77 4.59 2.56 16.18
N ARG C 78 5.60 3.20 15.61
CA ARG C 78 5.86 4.61 15.87
C ARG C 78 5.79 5.36 14.55
N CYS C 79 5.13 6.52 14.56
CA CYS C 79 5.03 7.34 13.36
C CYS C 79 4.75 8.78 13.74
N ASP C 80 5.19 9.70 12.88
CA ASP C 80 5.04 11.13 13.11
C ASP C 80 3.66 11.65 12.73
N ASP C 81 3.10 11.12 11.65
CA ASP C 81 1.80 11.57 11.16
C ASP C 81 0.62 10.93 11.87
N PRO C 82 -0.09 11.71 12.71
CA PRO C 82 -1.26 11.25 13.47
C PRO C 82 -2.37 10.73 12.56
N PHE C 83 -2.33 11.15 11.29
CA PHE C 83 -3.33 10.72 10.32
C PHE C 83 -3.16 9.23 10.06
N MSE C 84 -1.91 8.80 9.89
CA MSE C 84 -1.62 7.41 9.62
C MSE C 84 -1.84 6.48 10.82
O MSE C 84 -2.26 5.34 10.63
CB MSE C 84 -0.18 7.27 9.11
CG MSE C 84 -0.04 7.56 7.63
SE MSE C 84 1.77 7.92 7.10
CE MSE C 84 2.56 6.17 7.39
N LEU C 85 -1.57 6.96 12.03
CA LEU C 85 -1.80 6.12 13.21
C LEU C 85 -3.29 5.88 13.38
N ALA C 86 -4.09 6.88 12.98
CA ALA C 86 -5.55 6.80 13.06
C ALA C 86 -6.08 5.71 12.13
N LYS C 87 -5.59 5.71 10.89
CA LYS C 87 -5.99 4.71 9.90
C LYS C 87 -5.59 3.32 10.40
N ALA C 88 -4.44 3.23 11.05
CA ALA C 88 -3.97 1.96 11.57
C ALA C 88 -4.83 1.51 12.73
N CYS C 89 -5.19 2.45 13.61
CA CYS C 89 -6.02 2.16 14.77
C CYS C 89 -7.41 1.65 14.38
N TYR C 90 -7.93 2.17 13.28
CA TYR C 90 -9.22 1.79 12.77
C TYR C 90 -9.19 0.37 12.22
N ALA C 91 -8.19 0.09 11.41
CA ALA C 91 -8.01 -1.24 10.82
C ALA C 91 -7.74 -2.25 11.93
N LEU C 92 -7.00 -1.85 12.96
CA LEU C 92 -6.73 -2.74 14.07
C LEU C 92 -8.00 -2.89 14.91
N GLY C 93 -8.75 -1.80 15.04
CA GLY C 93 -10.00 -1.82 15.77
C GLY C 93 -10.95 -2.80 15.13
N ASN C 94 -10.98 -2.83 13.80
CA ASN C 94 -11.85 -3.73 13.06
C ASN C 94 -11.51 -5.21 13.25
N ARG C 95 -10.25 -5.52 13.57
CA ARG C 95 -9.86 -6.90 13.78
C ARG C 95 -9.97 -7.30 15.25
N HIS C 96 -10.47 -6.37 16.07
CA HIS C 96 -10.65 -6.62 17.49
C HIS C 96 -9.35 -6.91 18.22
N VAL C 97 -8.27 -6.38 17.67
CA VAL C 97 -6.94 -6.54 18.24
C VAL C 97 -6.77 -5.66 19.51
N PRO C 98 -6.68 -6.28 20.71
CA PRO C 98 -6.49 -5.42 21.87
C PRO C 98 -5.26 -4.57 21.57
N LEU C 99 -5.38 -3.27 21.82
CA LEU C 99 -4.31 -2.36 21.47
C LEU C 99 -4.01 -1.26 22.48
N GLN C 100 -2.74 -0.96 22.67
CA GLN C 100 -2.37 0.11 23.59
C GLN C 100 -2.16 1.32 22.70
N ILE C 101 -2.93 2.36 22.94
CA ILE C 101 -2.83 3.58 22.13
C ILE C 101 -2.17 4.71 22.90
N MSE C 102 -1.19 5.33 22.25
CA MSE C 102 -0.44 6.44 22.83
C MSE C 102 -0.07 7.43 21.74
O MSE C 102 -0.04 7.09 20.54
CB MSE C 102 0.86 5.97 23.46
CG MSE C 102 0.74 5.13 24.71
SE MSE C 102 2.53 4.69 25.31
CE MSE C 102 2.90 3.23 24.10
N PRO C 103 0.21 8.68 22.13
CA PRO C 103 0.58 9.68 21.12
C PRO C 103 1.79 9.15 20.36
N GLY C 104 1.69 9.11 19.04
CA GLY C 104 2.82 8.63 18.26
C GLY C 104 3.26 7.19 18.44
N GLU C 105 2.53 6.37 19.20
CA GLU C 105 2.94 4.97 19.35
C GLU C 105 1.82 3.97 19.63
N LEU C 106 1.92 2.81 18.99
CA LEU C 106 0.93 1.75 19.16
C LEU C 106 1.68 0.50 19.60
N ARG C 107 0.99 -0.35 20.35
CA ARG C 107 1.56 -1.61 20.82
C ARG C 107 0.49 -2.70 20.89
N TYR C 108 0.79 -3.87 20.35
CA TYR C 108 -0.14 -4.98 20.40
C TYR C 108 0.67 -6.26 20.49
N HIS C 109 0.03 -7.36 20.85
CA HIS C 109 0.73 -8.65 20.95
C HIS C 109 1.41 -8.97 19.60
N HIS C 110 2.70 -9.27 19.64
CA HIS C 110 3.47 -9.57 18.42
C HIS C 110 2.74 -10.53 17.47
N ASP C 111 2.61 -10.10 16.22
CA ASP C 111 1.91 -10.86 15.19
C ASP C 111 2.49 -10.51 13.80
N HIS C 112 3.10 -11.48 13.13
CA HIS C 112 3.70 -11.23 11.81
C HIS C 112 2.67 -10.87 10.74
N VAL C 113 1.47 -11.42 10.85
CA VAL C 113 0.43 -11.10 9.87
C VAL C 113 0.05 -9.64 10.01
N LEU C 114 -0.29 -9.22 11.23
CA LEU C 114 -0.65 -7.81 11.45
C LEU C 114 0.53 -6.93 11.08
N ASP C 115 1.75 -7.41 11.34
CA ASP C 115 2.93 -6.62 11.03
C ASP C 115 3.03 -6.31 9.54
N ASP C 116 2.97 -7.31 8.70
CA ASP C 116 3.06 -7.04 7.26
C ASP C 116 1.93 -6.14 6.79
N MSE C 117 0.73 -6.30 7.36
CA MSE C 117 -0.41 -5.48 6.98
C MSE C 117 -0.15 -3.99 7.23
O MSE C 117 -0.43 -3.15 6.37
CB MSE C 117 -1.67 -5.88 7.73
CG MSE C 117 -2.62 -4.68 7.97
SE MSE C 117 -4.44 -5.09 8.45
CE MSE C 117 -5.09 -5.50 6.67
N LEU C 118 0.36 -3.66 8.40
CA LEU C 118 0.62 -2.26 8.69
C LEU C 118 1.79 -1.77 7.84
N ARG C 119 2.69 -2.68 7.46
CA ARG C 119 3.82 -2.27 6.62
C ARG C 119 3.31 -1.83 5.25
N GLN C 120 2.18 -2.41 4.83
CA GLN C 120 1.58 -2.05 3.55
C GLN C 120 1.03 -0.62 3.64
N PHE C 121 0.81 -0.13 4.85
CA PHE C 121 0.32 1.25 5.05
C PHE C 121 1.51 2.20 5.14
N GLY C 122 2.72 1.67 4.92
CA GLY C 122 3.90 2.52 4.99
C GLY C 122 4.36 2.79 6.40
N LEU C 123 3.79 2.05 7.36
CA LEU C 123 4.16 2.20 8.75
C LEU C 123 5.33 1.27 8.99
N THR C 124 6.20 1.64 9.93
CA THR C 124 7.34 0.81 10.25
C THR C 124 7.10 0.14 11.60
N VAL C 125 7.07 -1.19 11.57
CA VAL C 125 6.79 -2.01 12.75
C VAL C 125 8.03 -2.73 13.30
N THR C 126 8.24 -2.62 14.61
CA THR C 126 9.36 -3.27 15.26
C THR C 126 8.88 -4.13 16.43
N PHE C 127 9.82 -4.78 17.11
CA PHE C 127 9.53 -5.66 18.23
C PHE C 127 10.14 -5.16 19.53
N GLY C 128 9.55 -5.59 20.65
CA GLY C 128 10.04 -5.20 21.96
C GLY C 128 9.33 -5.90 23.11
N GLN C 129 10.00 -5.97 24.26
CA GLN C 129 9.45 -6.56 25.47
C GLN C 129 9.08 -5.36 26.32
N LEU C 130 7.79 -5.04 26.40
CA LEU C 130 7.36 -3.86 27.15
C LEU C 130 6.02 -4.02 27.87
N PRO C 131 5.77 -3.17 28.90
CA PRO C 131 4.51 -3.25 29.63
C PRO C 131 3.37 -2.94 28.66
N PHE C 132 2.33 -3.77 28.69
CA PHE C 132 1.21 -3.63 27.77
C PHE C 132 -0.10 -3.28 28.47
N GLU C 133 -0.56 -2.05 28.24
CA GLU C 133 -1.80 -1.51 28.81
C GLU C 133 -2.79 -1.18 27.69
N PRO C 134 -3.51 -2.19 27.18
CA PRO C 134 -4.48 -1.95 26.10
C PRO C 134 -5.75 -1.21 26.54
N GLU C 135 -6.24 -0.33 25.67
CA GLU C 135 -7.44 0.47 25.92
C GLU C 135 -8.51 -0.29 26.69
N ALA C 136 -9.13 0.38 27.65
CA ALA C 136 -10.17 -0.22 28.46
C ALA C 136 -11.39 -0.56 27.61
N GLY C 137 -11.83 0.40 26.81
CA GLY C 137 -12.99 0.19 25.95
C GLY C 137 -12.67 -0.60 24.70
N ALA C 138 -12.25 -1.84 24.89
CA ALA C 138 -11.91 -2.73 23.78
C ALA C 138 -12.38 -4.16 24.04
N MSE D 1 49.36 -23.63 -13.99
CA MSE D 1 48.07 -24.29 -13.63
C MSE D 1 47.10 -24.31 -14.81
O MSE D 1 47.50 -24.52 -15.97
CB MSE D 1 47.40 -23.56 -12.46
CG MSE D 1 47.16 -22.08 -12.72
SE MSE D 1 45.92 -21.26 -11.47
CE MSE D 1 47.11 -21.15 -9.93
N LEU D 2 45.82 -24.10 -14.53
CA LEU D 2 44.78 -24.10 -15.54
C LEU D 2 44.22 -22.70 -15.78
N TYR D 3 44.15 -22.31 -17.04
CA TYR D 3 43.61 -21.00 -17.39
C TYR D 3 42.42 -21.12 -18.32
N LEU D 4 41.27 -20.65 -17.86
CA LEU D 4 40.04 -20.69 -18.62
C LEU D 4 39.93 -19.38 -19.38
N THR D 5 40.12 -19.46 -20.68
CA THR D 5 40.10 -18.30 -21.55
C THR D 5 38.85 -18.17 -22.39
N GLN D 6 37.97 -19.16 -22.34
CA GLN D 6 36.77 -19.08 -23.15
C GLN D 6 35.58 -19.93 -22.70
N ARG D 7 34.40 -19.50 -23.11
CA ARG D 7 33.17 -20.21 -22.81
C ARG D 7 32.81 -20.86 -24.14
N LEU D 8 32.50 -22.14 -24.11
CA LEU D 8 32.18 -22.85 -25.33
C LEU D 8 30.75 -22.71 -25.83
N GLU D 9 30.61 -22.52 -27.14
CA GLU D 9 29.30 -22.42 -27.77
C GLU D 9 28.99 -23.84 -28.23
N ILE D 10 29.85 -24.77 -27.79
CA ILE D 10 29.73 -26.18 -28.11
C ILE D 10 30.05 -26.97 -26.85
N PRO D 11 29.04 -27.20 -26.00
CA PRO D 11 29.24 -27.95 -24.74
C PRO D 11 30.14 -29.17 -24.88
N ALA D 12 30.87 -29.47 -23.81
CA ALA D 12 31.79 -30.60 -23.79
C ALA D 12 31.57 -31.49 -22.57
N ALA D 13 32.55 -32.35 -22.29
CA ALA D 13 32.48 -33.25 -21.15
C ALA D 13 33.14 -32.59 -19.95
N ALA D 14 32.38 -31.83 -19.19
CA ALA D 14 32.92 -31.15 -18.02
C ALA D 14 33.56 -32.14 -17.06
N THR D 15 34.77 -31.84 -16.62
CA THR D 15 35.48 -32.71 -15.69
C THR D 15 35.11 -32.30 -14.26
N ALA D 16 35.32 -31.03 -13.95
CA ALA D 16 35.01 -30.50 -12.62
C ALA D 16 34.08 -29.28 -12.71
N SER D 17 33.88 -28.61 -11.59
CA SER D 17 33.00 -27.46 -11.61
C SER D 17 33.44 -26.39 -10.61
N VAL D 18 32.78 -25.24 -10.70
CA VAL D 18 33.04 -24.09 -9.83
C VAL D 18 31.69 -23.39 -9.50
N THR D 19 31.43 -23.18 -8.22
CA THR D 19 30.19 -22.57 -7.76
C THR D 19 30.40 -21.09 -7.48
N LEU D 20 29.71 -20.24 -8.23
CA LEU D 20 29.87 -18.79 -8.09
C LEU D 20 28.60 -17.96 -7.98
N PRO D 21 28.67 -16.86 -7.23
CA PRO D 21 27.52 -15.96 -7.05
C PRO D 21 27.56 -15.05 -8.27
N ILE D 22 26.40 -14.52 -8.68
CA ILE D 22 26.36 -13.64 -9.84
C ILE D 22 27.48 -12.62 -9.70
N ASP D 23 27.78 -12.29 -8.44
CA ASP D 23 28.84 -11.35 -8.11
C ASP D 23 30.10 -11.65 -8.90
N VAL D 24 30.61 -12.88 -8.79
CA VAL D 24 31.83 -13.31 -9.47
C VAL D 24 31.59 -13.68 -10.94
N ARG D 25 30.36 -14.10 -11.27
CA ARG D 25 30.08 -14.50 -12.64
C ARG D 25 30.05 -13.38 -13.69
N VAL D 26 30.32 -12.14 -13.29
CA VAL D 26 30.35 -11.01 -14.23
C VAL D 26 31.80 -10.64 -14.56
N LYS D 27 32.73 -11.05 -13.70
CA LYS D 27 34.14 -10.74 -13.90
C LYS D 27 34.78 -11.62 -14.97
N SER D 28 35.65 -11.02 -15.78
CA SER D 28 36.35 -11.75 -16.84
C SER D 28 37.75 -12.14 -16.38
N ARG D 29 38.26 -11.45 -15.37
CA ARG D 29 39.57 -11.77 -14.84
C ARG D 29 39.54 -11.92 -13.32
N VAL D 30 39.34 -13.15 -12.87
CA VAL D 30 39.29 -13.48 -11.45
C VAL D 30 39.88 -14.87 -11.23
N LYS D 31 40.46 -15.08 -10.05
CA LYS D 31 41.05 -16.36 -9.71
C LYS D 31 40.06 -17.06 -8.80
N VAL D 32 39.66 -18.26 -9.18
CA VAL D 32 38.69 -19.02 -8.39
C VAL D 32 39.24 -20.38 -7.99
N THR D 33 38.47 -21.12 -7.21
CA THR D 33 38.88 -22.45 -6.78
C THR D 33 37.79 -23.44 -7.14
N LEU D 34 38.12 -24.40 -7.99
CA LEU D 34 37.16 -25.42 -8.40
C LEU D 34 36.69 -26.14 -7.15
N ASN D 35 35.55 -26.80 -7.23
CA ASN D 35 35.06 -27.52 -6.06
C ASN D 35 35.95 -28.71 -5.68
N ASP D 36 36.89 -29.09 -6.54
CA ASP D 36 37.77 -30.23 -6.23
C ASP D 36 39.07 -29.82 -5.53
N GLY D 37 39.28 -28.52 -5.35
CA GLY D 37 40.48 -28.05 -4.69
C GLY D 37 41.48 -27.34 -5.58
N ARG D 38 41.49 -27.69 -6.86
CA ARG D 38 42.42 -27.07 -7.79
C ARG D 38 42.05 -25.62 -8.09
N ASP D 39 43.06 -24.79 -8.25
CA ASP D 39 42.85 -23.40 -8.59
C ASP D 39 42.70 -23.31 -10.10
N ALA D 40 42.11 -22.21 -10.53
CA ALA D 40 41.94 -21.96 -11.95
C ALA D 40 41.93 -20.45 -12.08
N GLY D 41 42.26 -19.97 -13.27
CA GLY D 41 42.25 -18.54 -13.50
C GLY D 41 41.33 -18.23 -14.67
N LEU D 42 40.32 -17.40 -14.43
CA LEU D 42 39.41 -17.02 -15.48
C LEU D 42 40.02 -15.84 -16.24
N LEU D 43 40.15 -15.99 -17.55
CA LEU D 43 40.67 -14.93 -18.40
C LEU D 43 39.77 -14.92 -19.62
N LEU D 44 38.51 -14.57 -19.40
CA LEU D 44 37.50 -14.52 -20.46
C LEU D 44 37.43 -13.14 -21.11
N PRO D 45 36.91 -13.09 -22.35
CA PRO D 45 36.78 -11.81 -23.04
C PRO D 45 35.88 -10.96 -22.15
N ARG D 46 36.08 -9.65 -22.15
CA ARG D 46 35.27 -8.76 -21.32
C ARG D 46 33.81 -8.74 -21.74
N GLY D 47 32.95 -8.29 -20.83
CA GLY D 47 31.53 -8.16 -21.11
C GLY D 47 30.75 -9.46 -21.22
N LEU D 48 31.14 -10.46 -20.43
CA LEU D 48 30.46 -11.74 -20.46
C LEU D 48 29.74 -12.00 -19.16
N LEU D 49 28.58 -12.64 -19.26
CA LEU D 49 27.84 -13.00 -18.06
C LEU D 49 27.82 -14.52 -18.06
N LEU D 50 28.48 -15.12 -17.08
CA LEU D 50 28.52 -16.57 -16.98
C LEU D 50 27.25 -17.08 -16.31
N ARG D 51 26.53 -17.94 -17.01
CA ARG D 51 25.29 -18.52 -16.50
C ARG D 51 25.58 -19.86 -15.84
N GLY D 52 24.81 -20.19 -14.81
CA GLY D 52 25.01 -21.47 -14.16
C GLY D 52 24.72 -22.51 -15.22
N GLY D 53 25.71 -23.30 -15.57
CA GLY D 53 25.51 -24.33 -16.58
C GLY D 53 26.46 -24.20 -17.76
N ASP D 54 27.08 -23.03 -17.93
CA ASP D 54 28.04 -22.85 -19.02
C ASP D 54 29.28 -23.69 -18.76
N VAL D 55 30.11 -23.81 -19.79
CA VAL D 55 31.35 -24.57 -19.66
C VAL D 55 32.47 -23.72 -20.21
N LEU D 56 33.54 -23.61 -19.42
CA LEU D 56 34.71 -22.83 -19.80
C LEU D 56 35.79 -23.79 -20.28
N SER D 57 36.82 -23.26 -20.92
CA SER D 57 37.89 -24.09 -21.42
C SER D 57 39.20 -23.32 -21.52
N ASN D 58 40.28 -24.03 -21.83
CA ASN D 58 41.58 -23.37 -21.97
C ASN D 58 41.79 -23.00 -23.44
N GLU D 59 42.79 -22.17 -23.71
CA GLU D 59 43.06 -21.75 -25.08
C GLU D 59 43.27 -23.02 -25.89
N GLU D 60 43.92 -24.00 -25.29
CA GLU D 60 44.19 -25.28 -25.94
C GLU D 60 42.92 -25.86 -26.55
N GLY D 61 41.93 -26.07 -25.68
CA GLY D 61 40.67 -26.66 -26.11
C GLY D 61 40.66 -28.08 -25.59
N THR D 62 41.50 -28.33 -24.58
CA THR D 62 41.62 -29.66 -23.98
C THR D 62 40.74 -29.91 -22.77
N ASP D 63 40.81 -29.05 -21.75
CA ASP D 63 39.99 -29.25 -20.55
C ASP D 63 38.76 -28.36 -20.36
N PHE D 64 37.84 -28.82 -19.52
CA PHE D 64 36.59 -28.10 -19.30
C PHE D 64 36.13 -28.02 -17.85
N VAL D 65 35.37 -26.96 -17.54
CA VAL D 65 34.87 -26.75 -16.18
C VAL D 65 33.45 -26.19 -16.20
N GLN D 66 32.54 -26.88 -15.51
CA GLN D 66 31.15 -26.46 -15.45
C GLN D 66 30.92 -25.40 -14.38
N VAL D 67 30.17 -24.38 -14.76
CA VAL D 67 29.84 -23.28 -13.86
C VAL D 67 28.51 -23.55 -13.15
N ILE D 68 28.50 -23.42 -11.84
CA ILE D 68 27.29 -23.62 -11.06
C ILE D 68 26.97 -22.35 -10.29
N ALA D 69 25.71 -21.88 -10.38
CA ALA D 69 25.26 -20.68 -9.68
C ALA D 69 25.03 -21.00 -8.20
N ALA D 70 25.73 -20.28 -7.33
CA ALA D 70 25.63 -20.48 -5.90
C ALA D 70 24.32 -19.95 -5.28
N ASP D 71 24.06 -20.36 -4.04
CA ASP D 71 22.88 -19.88 -3.35
C ASP D 71 23.20 -18.49 -2.82
N GLU D 72 22.28 -17.55 -2.97
CA GLU D 72 22.48 -16.18 -2.49
C GLU D 72 21.28 -15.70 -1.68
N GLU D 73 21.47 -14.65 -0.89
CA GLU D 73 20.38 -14.13 -0.07
C GLU D 73 19.45 -13.31 -0.96
N VAL D 74 18.22 -13.77 -1.13
CA VAL D 74 17.29 -13.05 -1.98
C VAL D 74 15.90 -12.84 -1.41
N SER D 75 15.26 -11.78 -1.88
CA SER D 75 13.90 -11.46 -1.49
C SER D 75 13.04 -12.16 -2.54
N VAL D 76 11.84 -12.57 -2.17
CA VAL D 76 10.97 -13.24 -3.12
C VAL D 76 9.60 -12.59 -3.22
N VAL D 77 9.16 -12.39 -4.45
CA VAL D 77 7.85 -11.81 -4.70
C VAL D 77 7.06 -12.78 -5.55
N ARG D 78 6.27 -13.61 -4.89
CA ARG D 78 5.43 -14.60 -5.53
C ARG D 78 4.01 -14.09 -5.51
N CYS D 79 3.50 -13.70 -6.68
CA CYS D 79 2.14 -13.20 -6.78
C CYS D 79 1.52 -13.84 -8.01
N ASP D 80 0.33 -14.40 -7.86
CA ASP D 80 -0.34 -15.07 -8.98
C ASP D 80 -0.91 -14.09 -10.01
N ASP D 81 -0.91 -12.80 -9.68
CA ASP D 81 -1.43 -11.78 -10.58
C ASP D 81 -0.35 -11.18 -11.50
N PRO D 82 -0.31 -11.60 -12.78
CA PRO D 82 0.68 -11.09 -13.74
C PRO D 82 0.67 -9.58 -13.90
N PHE D 83 -0.50 -8.98 -13.74
CA PHE D 83 -0.65 -7.53 -13.88
C PHE D 83 0.15 -6.79 -12.81
N MSE D 84 0.09 -7.28 -11.57
CA MSE D 84 0.81 -6.64 -10.48
C MSE D 84 2.32 -6.86 -10.59
O MSE D 84 3.10 -5.99 -10.19
CB MSE D 84 0.33 -7.18 -9.13
CG MSE D 84 -1.08 -6.74 -8.75
SE MSE D 84 -1.59 -7.45 -7.02
CE MSE D 84 -0.74 -6.11 -5.89
N LEU D 85 2.74 -8.00 -11.15
CA LEU D 85 4.16 -8.27 -11.29
C LEU D 85 4.78 -7.31 -12.29
N ALA D 86 4.05 -7.06 -13.38
CA ALA D 86 4.53 -6.17 -14.42
C ALA D 86 4.82 -4.78 -13.83
N LYS D 87 3.91 -4.30 -12.98
CA LYS D 87 4.09 -3.02 -12.33
C LYS D 87 5.30 -3.07 -11.39
N ALA D 88 5.49 -4.20 -10.71
CA ALA D 88 6.62 -4.33 -9.82
C ALA D 88 7.91 -4.30 -10.64
N CYS D 89 7.92 -5.00 -11.77
CA CYS D 89 9.10 -5.01 -12.64
C CYS D 89 9.45 -3.60 -13.06
N TYR D 90 8.43 -2.80 -13.37
CA TYR D 90 8.66 -1.44 -13.82
C TYR D 90 9.36 -0.60 -12.76
N ALA D 91 8.78 -0.57 -11.55
CA ALA D 91 9.33 0.18 -10.44
C ALA D 91 10.77 -0.28 -10.17
N LEU D 92 10.96 -1.59 -10.08
CA LEU D 92 12.29 -2.13 -9.82
C LEU D 92 13.20 -1.73 -10.97
N GLY D 93 12.69 -1.79 -12.19
CA GLY D 93 13.46 -1.41 -13.35
C GLY D 93 13.95 0.02 -13.25
N ASN D 94 13.10 0.91 -12.74
CA ASN D 94 13.44 2.33 -12.57
C ASN D 94 14.55 2.54 -11.55
N ARG D 95 14.68 1.60 -10.62
CA ARG D 95 15.68 1.69 -9.58
C ARG D 95 16.95 0.93 -9.99
N HIS D 96 16.97 0.43 -11.23
CA HIS D 96 18.12 -0.30 -11.77
C HIS D 96 18.53 -1.48 -10.89
N VAL D 97 17.55 -2.19 -10.36
CA VAL D 97 17.79 -3.35 -9.50
C VAL D 97 17.91 -4.65 -10.31
N PRO D 98 19.10 -5.27 -10.30
CA PRO D 98 19.26 -6.53 -11.05
C PRO D 98 18.09 -7.44 -10.70
N LEU D 99 17.43 -7.96 -11.72
CA LEU D 99 16.27 -8.76 -11.45
C LEU D 99 16.10 -10.01 -12.29
N GLN D 100 15.65 -11.07 -11.63
CA GLN D 100 15.37 -12.32 -12.30
C GLN D 100 13.86 -12.30 -12.45
N ILE D 101 13.38 -12.58 -13.64
CA ILE D 101 11.94 -12.54 -13.88
C ILE D 101 11.43 -13.89 -14.37
N MSE D 102 10.36 -14.35 -13.75
CA MSE D 102 9.71 -15.60 -14.12
C MSE D 102 8.22 -15.40 -13.96
O MSE D 102 7.78 -14.45 -13.31
CB MSE D 102 10.13 -16.74 -13.18
CG MSE D 102 11.60 -17.09 -13.18
SE MSE D 102 11.89 -18.52 -11.94
CE MSE D 102 12.03 -17.46 -10.31
N PRO D 103 7.42 -16.27 -14.58
CA PRO D 103 5.98 -16.08 -14.43
C PRO D 103 5.65 -16.38 -12.97
N GLY D 104 4.91 -15.50 -12.32
CA GLY D 104 4.54 -15.73 -10.94
C GLY D 104 5.55 -15.41 -9.86
N GLU D 105 6.81 -15.20 -10.23
CA GLU D 105 7.83 -14.89 -9.22
C GLU D 105 8.93 -13.96 -9.69
N LEU D 106 9.50 -13.20 -8.75
CA LEU D 106 10.59 -12.28 -9.03
C LEU D 106 11.62 -12.46 -7.92
N ARG D 107 12.88 -12.16 -8.21
CA ARG D 107 13.95 -12.27 -7.22
C ARG D 107 15.01 -11.19 -7.39
N TYR D 108 15.68 -10.81 -6.29
CA TYR D 108 16.72 -9.80 -6.34
C TYR D 108 17.46 -9.76 -5.01
N HIS D 109 18.71 -9.33 -5.01
CA HIS D 109 19.49 -9.25 -3.78
C HIS D 109 18.62 -8.76 -2.61
N HIS D 110 18.43 -9.62 -1.61
CA HIS D 110 17.64 -9.29 -0.42
C HIS D 110 17.89 -7.87 0.04
N ASP D 111 16.81 -7.15 0.33
CA ASP D 111 16.94 -5.76 0.75
C ASP D 111 15.70 -5.29 1.50
N HIS D 112 15.81 -5.19 2.82
CA HIS D 112 14.70 -4.77 3.67
C HIS D 112 14.03 -3.49 3.20
N VAL D 113 14.84 -2.48 2.90
CA VAL D 113 14.30 -1.20 2.44
C VAL D 113 13.45 -1.46 1.20
N LEU D 114 14.07 -2.03 0.18
CA LEU D 114 13.39 -2.33 -1.07
C LEU D 114 12.18 -3.23 -0.84
N ASP D 115 12.25 -4.11 0.16
CA ASP D 115 11.14 -5.01 0.46
C ASP D 115 9.90 -4.24 0.91
N ASP D 116 10.10 -3.34 1.85
CA ASP D 116 8.99 -2.55 2.37
C ASP D 116 8.32 -1.70 1.30
N MSE D 117 9.11 -1.14 0.39
CA MSE D 117 8.56 -0.32 -0.68
C MSE D 117 7.62 -1.17 -1.52
O MSE D 117 6.59 -0.68 -1.97
CB MSE D 117 9.68 0.25 -1.56
CG MSE D 117 9.19 1.15 -2.69
SE MSE D 117 9.43 0.42 -4.49
CE MSE D 117 10.67 1.73 -5.21
N LEU D 118 7.97 -2.43 -1.71
CA LEU D 118 7.13 -3.34 -2.48
C LEU D 118 5.93 -3.80 -1.66
N ARG D 119 6.06 -3.74 -0.33
CA ARG D 119 4.95 -4.12 0.53
C ARG D 119 3.84 -3.07 0.38
N GLN D 120 4.22 -1.80 0.32
CA GLN D 120 3.24 -0.71 0.16
C GLN D 120 2.52 -0.83 -1.17
N PHE D 121 2.99 -1.74 -2.02
CA PHE D 121 2.43 -1.99 -3.34
C PHE D 121 1.32 -3.03 -3.23
N GLY D 122 1.20 -3.63 -2.05
CA GLY D 122 0.20 -4.65 -1.84
C GLY D 122 0.72 -6.03 -2.19
N LEU D 123 2.04 -6.12 -2.39
CA LEU D 123 2.67 -7.38 -2.73
C LEU D 123 3.22 -8.09 -1.48
N THR D 124 3.33 -9.41 -1.57
CA THR D 124 3.85 -10.21 -0.48
C THR D 124 5.32 -10.51 -0.80
N VAL D 125 6.21 -10.17 0.12
CA VAL D 125 7.64 -10.36 -0.07
C VAL D 125 8.26 -11.26 0.99
N THR D 126 8.73 -12.44 0.57
CA THR D 126 9.36 -13.38 1.48
C THR D 126 10.88 -13.42 1.28
N PHE D 127 11.57 -14.32 1.99
CA PHE D 127 13.03 -14.43 1.90
C PHE D 127 13.49 -15.82 1.49
N GLY D 128 14.70 -15.90 0.94
CA GLY D 128 15.25 -17.17 0.51
C GLY D 128 16.74 -17.19 0.24
N GLN D 129 17.27 -18.40 0.10
CA GLN D 129 18.68 -18.65 -0.19
C GLN D 129 18.64 -19.47 -1.46
N LEU D 130 18.70 -18.81 -2.61
CA LEU D 130 18.61 -19.52 -3.87
C LEU D 130 19.56 -19.01 -4.95
N PRO D 131 19.68 -19.75 -6.06
CA PRO D 131 20.53 -19.35 -7.19
C PRO D 131 19.97 -18.04 -7.74
N PHE D 132 20.84 -17.17 -8.22
CA PHE D 132 20.39 -15.88 -8.71
C PHE D 132 20.82 -15.55 -10.13
N GLU D 133 19.88 -15.66 -11.08
CA GLU D 133 20.16 -15.36 -12.48
C GLU D 133 19.36 -14.13 -12.95
N PRO D 134 19.89 -12.93 -12.71
CA PRO D 134 19.17 -11.71 -13.14
C PRO D 134 19.26 -11.51 -14.65
N GLU D 135 18.32 -10.74 -15.20
CA GLU D 135 18.30 -10.46 -16.64
C GLU D 135 19.63 -9.88 -17.12
N ALA D 136 20.12 -10.36 -18.25
CA ALA D 136 21.38 -9.86 -18.78
C ALA D 136 21.26 -8.38 -19.17
N GLY D 137 20.14 -8.03 -19.78
CA GLY D 137 19.91 -6.65 -20.21
C GLY D 137 20.20 -5.59 -19.17
N ALA D 138 20.20 -5.96 -17.89
CA ALA D 138 20.47 -5.03 -16.80
C ALA D 138 21.78 -5.34 -16.03
CU CU E . -30.70 12.45 15.28
CU CU F . 18.69 5.92 -13.80
CU CU G . 7.35 6.93 -36.44
CU CU H . -16.37 -8.02 14.69
CU CU I . 8.72 -11.88 15.04
CU CU J . 16.27 -9.32 6.10
#